data_7Z0R
#
_entry.id   7Z0R
#
_cell.length_a   37.576
_cell.length_b   52.182
_cell.length_c   81.043
_cell.angle_alpha   90.000
_cell.angle_beta   90.000
_cell.angle_gamma   90.000
#
_symmetry.space_group_name_H-M   'P 21 21 21'
#
loop_
_entity.id
_entity.type
_entity.pdbx_description
1 polymer 'WRKY transcription factor 18'
2 non-polymer 1,2-ETHANEDIOL
3 non-polymer 'ZINC ION'
4 non-polymer (4S)-2-METHYL-2,4-PENTANEDIOL
5 non-polymer 'NITRATE ION'
6 non-polymer 'PHOSPHATE ION'
7 water water
#
_entity_poly.entity_id   1
_entity_poly.type   'polypeptide(L)'
_entity_poly.pdbx_seq_one_letter_code
;SNASTVYVPTETSDTSLTVKDGFQWRKYGQKVTRDNPSPRAYFRCSFAPSCPVKKKVQRSAEDPSLLVATYEGTHNHLGP
NA
;
_entity_poly.pdbx_strand_id   A,B
#
loop_
_chem_comp.id
_chem_comp.type
_chem_comp.name
_chem_comp.formula
EDO non-polymer 1,2-ETHANEDIOL 'C2 H6 O2'
MPD non-polymer (4S)-2-METHYL-2,4-PENTANEDIOL 'C6 H14 O2'
NO3 non-polymer 'NITRATE ION' 'N O3 -1'
PO4 non-polymer 'PHOSPHATE ION' 'O4 P -3'
ZN non-polymer 'ZINC ION' 'Zn 2'
#
# COMPACT_ATOMS: atom_id res chain seq x y z
N ASN A 2 -3.06 -15.40 7.06
CA ASN A 2 -4.09 -14.38 6.91
C ASN A 2 -3.51 -12.96 6.85
N ALA A 3 -2.20 -12.83 6.70
CA ALA A 3 -1.54 -11.52 6.85
C ALA A 3 -0.71 -11.17 5.63
N SER A 4 -0.75 -9.91 5.24
CA SER A 4 0.07 -9.40 4.16
C SER A 4 0.93 -8.27 4.71
N THR A 5 2.20 -8.27 4.33
CA THR A 5 3.15 -7.28 4.83
C THR A 5 3.68 -6.49 3.66
N VAL A 6 3.68 -5.17 3.80
CA VAL A 6 4.31 -4.32 2.80
C VAL A 6 5.26 -3.35 3.48
N TYR A 7 6.15 -2.80 2.69
CA TYR A 7 7.25 -1.98 3.17
C TYR A 7 7.11 -0.58 2.57
N VAL A 8 7.11 0.43 3.42
CA VAL A 8 6.86 1.80 3.01
C VAL A 8 8.08 2.64 3.37
N PRO A 9 8.93 2.97 2.41
CA PRO A 9 10.00 3.94 2.69
C PRO A 9 9.42 5.21 3.29
N THR A 10 9.98 5.63 4.42
CA THR A 10 9.38 6.74 5.15
C THR A 10 10.49 7.60 5.71
N GLU A 11 10.40 8.90 5.47
CA GLU A 11 11.31 9.86 6.05
C GLU A 11 11.59 9.47 7.49
N THR A 12 12.88 9.37 7.85
CA THR A 12 13.24 8.93 9.18
C THR A 12 12.78 9.90 10.27
N SER A 13 12.61 11.19 9.96
CA SER A 13 12.09 12.09 11.00
C SER A 13 10.61 11.94 11.23
N ASP A 14 9.90 11.20 10.38
CA ASP A 14 8.47 10.92 10.57
C ASP A 14 8.32 9.72 11.48
N THR A 15 7.91 9.97 12.72
CA THR A 15 7.71 8.93 13.74
C THR A 15 6.23 8.66 14.00
N SER A 16 5.33 9.14 13.13
CA SER A 16 3.89 9.06 13.40
C SER A 16 3.31 7.67 13.17
N LEU A 17 4.04 6.85 12.44
CA LEU A 17 3.65 5.49 12.07
C LEU A 17 2.37 5.52 11.21
N THR A 18 2.27 6.52 10.36
CA THR A 18 1.16 6.65 9.44
C THR A 18 1.54 6.01 8.11
N VAL A 19 0.68 5.10 7.61
CA VAL A 19 0.76 4.60 6.24
C VAL A 19 -0.58 4.90 5.59
N LYS A 20 -0.58 5.74 4.57
CA LYS A 20 -1.78 6.06 3.83
C LYS A 20 -2.07 4.96 2.83
N ASP A 21 -3.30 4.43 2.85
CA ASP A 21 -3.62 3.27 2.04
C ASP A 21 -5.02 3.29 1.45
N GLY A 22 -5.71 4.44 1.46
CA GLY A 22 -7.03 4.52 0.88
C GLY A 22 -8.15 4.17 1.82
N PHE A 23 -7.83 3.66 3.00
CA PHE A 23 -8.80 3.25 3.98
C PHE A 23 -8.65 4.07 5.24
N GLN A 24 -9.69 4.06 6.05
CA GLN A 24 -9.70 4.72 7.34
C GLN A 24 -9.52 3.72 8.47
N TRP A 25 -8.90 4.21 9.54
CA TRP A 25 -8.36 3.40 10.62
C TRP A 25 -8.66 4.06 11.95
N ARG A 26 -8.75 3.23 12.98
CA ARG A 26 -8.85 3.68 14.35
C ARG A 26 -7.65 3.09 15.08
N LYS A 27 -6.78 3.95 15.57
CA LYS A 27 -5.64 3.45 16.33
C LYS A 27 -6.13 3.03 17.70
N TYR A 28 -5.89 1.77 18.07
CA TYR A 28 -6.35 1.28 19.36
C TYR A 28 -5.23 0.84 20.28
N GLY A 29 -3.98 0.77 19.81
CA GLY A 29 -2.93 0.24 20.66
C GLY A 29 -1.57 0.72 20.25
N GLN A 30 -0.65 0.68 21.20
CA GLN A 30 0.75 1.00 20.94
C GLN A 30 1.62 0.16 21.84
N LYS A 31 2.67 -0.43 21.28
CA LYS A 31 3.57 -1.28 22.04
C LYS A 31 4.99 -0.74 21.91
N VAL A 32 5.69 -0.65 23.03
CA VAL A 32 7.10 -0.28 23.06
C VAL A 32 7.87 -1.40 23.74
N THR A 33 9.03 -1.77 23.15
CA THR A 33 9.80 -2.98 23.46
C THR A 33 11.28 -2.70 23.25
N ARG A 34 12.15 -3.43 23.97
CA ARG A 34 13.59 -3.20 23.90
C ARG A 34 14.24 -3.73 22.62
N ASP A 35 13.64 -4.71 21.94
CA ASP A 35 14.21 -5.24 20.70
C ASP A 35 13.97 -4.34 19.49
N ASN A 36 13.00 -3.44 19.54
CA ASN A 36 12.91 -2.42 18.52
C ASN A 36 12.94 -1.05 19.19
N PRO A 37 13.84 -0.13 18.79
CA PRO A 37 13.92 1.17 19.46
C PRO A 37 12.68 2.02 19.26
N SER A 38 11.63 1.48 18.62
CA SER A 38 10.55 2.28 18.09
C SER A 38 9.19 1.59 18.27
N PRO A 39 8.14 2.34 18.55
CA PRO A 39 6.87 1.70 18.89
C PRO A 39 6.23 1.03 17.71
N ARG A 40 5.34 0.11 18.04
CA ARG A 40 4.44 -0.51 17.10
C ARG A 40 3.05 0.05 17.35
N ALA A 41 2.38 0.49 16.26
CA ALA A 41 1.03 1.02 16.33
C ALA A 41 0.06 -0.02 15.80
N TYR A 42 -1.09 -0.11 16.47
CA TYR A 42 -2.13 -1.10 16.17
C TYR A 42 -3.40 -0.39 15.75
N PHE A 43 -3.95 -0.77 14.62
CA PHE A 43 -5.13 -0.10 14.09
C PHE A 43 -6.17 -1.13 13.70
N ARG A 44 -7.43 -0.74 13.80
CA ARG A 44 -8.50 -1.52 13.21
C ARG A 44 -9.23 -0.66 12.19
N CYS A 45 -9.71 -1.31 11.14
CA CYS A 45 -10.42 -0.60 10.10
C CYS A 45 -11.59 0.17 10.69
N SER A 46 -11.87 1.34 10.10
CA SER A 46 -13.05 2.11 10.50
C SER A 46 -14.37 1.38 10.29
N PHE A 47 -14.43 0.37 9.40
CA PHE A 47 -15.64 -0.41 9.23
C PHE A 47 -15.76 -1.53 10.27
N ALA A 48 -14.82 -1.66 11.19
CA ALA A 48 -14.99 -2.61 12.29
C ALA A 48 -16.28 -2.30 13.05
N PRO A 49 -16.97 -3.32 13.59
CA PRO A 49 -16.64 -4.74 13.57
C PRO A 49 -17.09 -5.47 12.29
N SER A 50 -17.89 -4.81 11.43
CA SER A 50 -18.31 -5.45 10.19
C SER A 50 -17.11 -5.92 9.37
N CYS A 51 -16.09 -5.10 9.27
CA CYS A 51 -14.83 -5.41 8.60
C CYS A 51 -13.81 -5.90 9.61
N PRO A 52 -13.18 -7.05 9.38
CA PRO A 52 -12.23 -7.60 10.36
C PRO A 52 -10.79 -7.15 10.19
N VAL A 53 -10.50 -6.23 9.28
CA VAL A 53 -9.10 -5.97 8.98
C VAL A 53 -8.42 -5.27 10.15
N LYS A 54 -7.22 -5.71 10.45
CA LYS A 54 -6.32 -5.05 11.38
C LYS A 54 -5.03 -4.69 10.69
N LYS A 55 -4.36 -3.68 11.22
CA LYS A 55 -3.17 -3.10 10.59
C LYS A 55 -2.20 -2.80 11.72
N LYS A 56 -0.94 -3.22 11.55
CA LYS A 56 0.11 -2.98 12.52
C LYS A 56 1.25 -2.30 11.75
N VAL A 57 1.84 -1.25 12.34
CA VAL A 57 2.87 -0.46 11.66
C VAL A 57 4.03 -0.24 12.63
N GLN A 58 5.24 -0.47 12.15
CA GLN A 58 6.45 -0.32 12.96
C GLN A 58 7.63 -0.13 12.02
N ARG A 59 8.62 0.65 12.45
CA ARG A 59 9.85 0.69 11.69
C ARG A 59 10.49 -0.67 11.61
N SER A 60 11.05 -0.95 10.46
CA SER A 60 11.88 -2.13 10.30
C SER A 60 13.14 -2.02 11.17
N ALA A 61 13.47 -3.12 11.83
CA ALA A 61 14.72 -3.23 12.57
C ALA A 61 15.87 -3.64 11.67
N GLU A 62 15.58 -3.99 10.42
CA GLU A 62 16.62 -4.34 9.48
C GLU A 62 17.00 -3.15 8.64
N ASP A 63 16.01 -2.42 8.15
CA ASP A 63 16.21 -1.23 7.34
C ASP A 63 15.35 -0.12 7.92
N PRO A 64 15.91 0.69 8.82
CA PRO A 64 15.07 1.69 9.51
C PRO A 64 14.57 2.80 8.63
N SER A 65 14.90 2.81 7.34
CA SER A 65 14.29 3.75 6.40
C SER A 65 12.90 3.29 5.99
N LEU A 66 12.50 2.08 6.39
CA LEU A 66 11.21 1.52 6.03
C LEU A 66 10.28 1.39 7.23
N LEU A 67 9.00 1.72 7.01
CA LEU A 67 7.93 1.20 7.84
C LEU A 67 7.48 -0.15 7.32
N VAL A 68 7.21 -1.05 8.24
CA VAL A 68 6.60 -2.34 7.94
C VAL A 68 5.14 -2.20 8.29
N ALA A 69 4.27 -2.39 7.31
CA ALA A 69 2.83 -2.40 7.55
C ALA A 69 2.30 -3.80 7.31
N THR A 70 1.68 -4.36 8.34
CA THR A 70 1.16 -5.72 8.25
C THR A 70 -0.34 -5.65 8.38
N TYR A 71 -1.04 -6.22 7.40
CA TYR A 71 -2.49 -6.21 7.37
C TYR A 71 -2.97 -7.63 7.60
N GLU A 72 -3.91 -7.78 8.51
CA GLU A 72 -4.60 -9.04 8.80
C GLU A 72 -6.00 -8.98 8.21
N GLY A 73 -6.32 -9.94 7.37
CA GLY A 73 -7.64 -9.94 6.77
C GLY A 73 -7.71 -9.13 5.50
N THR A 74 -8.89 -9.17 4.88
CA THR A 74 -9.18 -8.43 3.65
C THR A 74 -10.42 -7.58 3.91
N HIS A 75 -10.44 -6.35 3.39
CA HIS A 75 -11.62 -5.51 3.59
C HIS A 75 -12.84 -6.04 2.85
N ASN A 76 -14.00 -6.04 3.53
CA ASN A 76 -15.24 -6.50 2.92
C ASN A 76 -16.08 -5.33 2.41
N HIS A 77 -15.42 -4.27 1.96
CA HIS A 77 -16.09 -3.04 1.55
C HIS A 77 -15.12 -2.22 0.73
N LEU A 78 -15.67 -1.24 0.01
CA LEU A 78 -14.86 -0.26 -0.72
C LEU A 78 -14.20 0.76 0.21
N GLY A 79 -13.08 1.31 -0.24
CA GLY A 79 -12.35 2.28 0.56
C GLY A 79 -13.10 3.58 0.71
N PRO A 80 -13.22 4.09 1.94
CA PRO A 80 -14.00 5.33 2.17
C PRO A 80 -13.29 6.62 1.82
N ASN A 81 -11.99 6.58 1.52
CA ASN A 81 -11.25 7.79 1.18
C ASN A 81 -11.36 8.05 -0.32
N ALA A 82 -12.59 8.39 -0.73
CA ALA A 82 -12.89 8.76 -2.10
C ALA A 82 -14.10 9.69 -2.10
N ALA B 3 3.43 11.90 -4.22
CA ALA B 3 3.43 10.50 -4.67
C ALA B 3 4.16 9.58 -3.69
N SER B 4 3.57 8.42 -3.39
CA SER B 4 4.12 7.49 -2.41
C SER B 4 4.48 6.16 -3.06
N THR B 5 5.64 5.67 -2.70
CA THR B 5 6.16 4.39 -3.18
C THR B 5 6.09 3.37 -2.06
N VAL B 6 5.69 2.13 -2.40
CA VAL B 6 5.58 1.00 -1.49
C VAL B 6 6.25 -0.19 -2.18
N TYR B 7 6.82 -1.06 -1.36
CA TYR B 7 7.38 -2.32 -1.82
C TYR B 7 6.51 -3.48 -1.37
N VAL B 8 6.13 -4.34 -2.30
CA VAL B 8 5.17 -5.40 -2.02
C VAL B 8 5.78 -6.76 -2.39
N PRO B 9 6.10 -7.59 -1.40
CA PRO B 9 6.56 -8.95 -1.71
C PRO B 9 5.54 -9.70 -2.57
N THR B 10 6.03 -10.27 -3.67
CA THR B 10 5.15 -10.92 -4.64
C THR B 10 5.89 -12.11 -5.22
N GLU B 11 5.24 -13.28 -5.22
CA GLU B 11 5.83 -14.46 -5.84
C GLU B 11 6.38 -14.11 -7.21
N THR B 12 7.57 -14.63 -7.52
CA THR B 12 8.24 -14.24 -8.76
C THR B 12 7.57 -14.82 -9.99
N SER B 13 6.82 -15.91 -9.84
CA SER B 13 6.11 -16.50 -10.98
C SER B 13 4.96 -15.62 -11.47
N ASP B 14 4.51 -14.65 -10.66
CA ASP B 14 3.39 -13.77 -10.98
C ASP B 14 3.95 -12.54 -11.69
N THR B 15 3.73 -12.43 -13.00
CA THR B 15 4.22 -11.29 -13.77
C THR B 15 3.10 -10.32 -14.16
N SER B 16 1.95 -10.36 -13.49
CA SER B 16 0.84 -9.51 -13.86
C SER B 16 1.05 -8.05 -13.47
N LEU B 17 2.00 -7.79 -12.58
CA LEU B 17 2.25 -6.45 -12.05
C LEU B 17 1.02 -5.91 -11.31
N THR B 18 0.28 -6.83 -10.66
CA THR B 18 -0.88 -6.52 -9.85
C THR B 18 -0.47 -6.28 -8.39
N VAL B 19 -0.89 -5.16 -7.81
CA VAL B 19 -0.82 -4.98 -6.36
C VAL B 19 -2.26 -4.86 -5.85
N LYS B 20 -2.63 -5.76 -4.94
CA LYS B 20 -3.96 -5.78 -4.39
C LYS B 20 -4.02 -4.74 -3.27
N ASP B 21 -4.92 -3.76 -3.42
CA ASP B 21 -4.98 -2.69 -2.44
C ASP B 21 -6.41 -2.33 -2.07
N GLY B 22 -7.38 -3.16 -2.44
CA GLY B 22 -8.77 -2.88 -2.12
C GLY B 22 -9.47 -1.90 -3.04
N PHE B 23 -8.77 -1.35 -4.03
CA PHE B 23 -9.32 -0.49 -5.05
C PHE B 23 -9.28 -1.23 -6.38
N GLN B 24 -9.97 -0.69 -7.37
CA GLN B 24 -10.05 -1.32 -8.67
C GLN B 24 -9.33 -0.45 -9.70
N TRP B 25 -8.65 -1.08 -10.64
CA TRP B 25 -7.71 -0.37 -11.50
C TRP B 25 -7.88 -0.84 -12.94
N ARG B 26 -7.51 0.05 -13.85
CA ARG B 26 -7.50 -0.20 -15.30
C ARG B 26 -6.11 0.10 -15.82
N LYS B 27 -5.50 -0.88 -16.50
CA LYS B 27 -4.18 -0.68 -17.08
C LYS B 27 -4.34 0.19 -18.30
N TYR B 28 -3.47 1.17 -18.45
CA TYR B 28 -3.54 1.97 -19.65
C TYR B 28 -2.20 2.21 -20.30
N GLY B 29 -1.11 1.82 -19.67
CA GLY B 29 0.17 2.03 -20.32
C GLY B 29 1.21 1.06 -19.81
N GLN B 30 2.36 1.08 -20.49
CA GLN B 30 3.48 0.23 -20.14
C GLN B 30 4.74 0.93 -20.62
N LYS B 31 5.77 0.88 -19.78
CA LYS B 31 7.11 1.34 -20.14
C LYS B 31 8.07 0.16 -20.03
N VAL B 32 8.91 -0.02 -21.04
CA VAL B 32 9.95 -1.04 -21.01
C VAL B 32 11.29 -0.34 -21.03
N THR B 33 12.26 -0.87 -20.27
CA THR B 33 13.59 -0.25 -20.20
C THR B 33 14.64 -1.35 -20.28
N ARG B 34 15.83 -0.97 -20.73
CA ARG B 34 16.89 -1.96 -20.80
C ARG B 34 17.55 -2.20 -19.45
N ASP B 35 17.19 -1.42 -18.43
CA ASP B 35 17.79 -1.49 -17.11
C ASP B 35 17.06 -2.44 -16.17
N ASN B 36 15.94 -3.00 -16.59
CA ASN B 36 15.09 -3.80 -15.75
C ASN B 36 14.38 -4.80 -16.65
N PRO B 37 14.43 -6.10 -16.34
CA PRO B 37 13.67 -7.05 -17.17
C PRO B 37 12.18 -6.86 -17.07
N SER B 38 11.71 -6.28 -15.99
CA SER B 38 10.29 -6.09 -15.79
C SER B 38 9.82 -4.82 -16.47
N PRO B 39 8.73 -4.88 -17.22
CA PRO B 39 8.03 -3.67 -17.62
C PRO B 39 7.52 -2.95 -16.39
N ARG B 40 7.19 -1.69 -16.59
CA ARG B 40 6.42 -0.90 -15.62
C ARG B 40 5.02 -0.75 -16.18
N ALA B 41 4.03 -1.18 -15.40
CA ALA B 41 2.62 -1.07 -15.75
C ALA B 41 2.05 0.18 -15.14
N TYR B 42 1.24 0.88 -15.92
CA TYR B 42 0.59 2.10 -15.49
C TYR B 42 -0.91 1.86 -15.43
N PHE B 43 -1.52 2.26 -14.32
CA PHE B 43 -2.93 2.04 -14.04
C PHE B 43 -3.60 3.36 -13.70
N ARG B 44 -4.88 3.49 -14.08
CA ARG B 44 -5.73 4.53 -13.53
C ARG B 44 -6.85 3.88 -12.74
N CYS B 45 -7.35 4.61 -11.74
CA CYS B 45 -8.50 4.13 -10.96
C CYS B 45 -9.68 3.85 -11.86
N SER B 46 -10.49 2.87 -11.45
CA SER B 46 -11.67 2.51 -12.21
C SER B 46 -12.67 3.66 -12.30
N PHE B 47 -12.51 4.69 -11.46
CA PHE B 47 -13.36 5.87 -11.46
C PHE B 47 -12.78 7.03 -12.28
N ALA B 48 -11.66 6.82 -12.98
CA ALA B 48 -11.15 7.86 -13.86
C ALA B 48 -12.15 8.07 -14.99
N PRO B 49 -12.14 9.25 -15.64
CA PRO B 49 -11.25 10.40 -15.50
C PRO B 49 -11.55 11.25 -14.30
N SER B 50 -12.77 11.14 -13.78
CA SER B 50 -13.15 11.94 -12.64
C SER B 50 -12.19 11.69 -11.47
N CYS B 51 -11.90 10.43 -11.18
CA CYS B 51 -10.88 10.13 -10.16
C CYS B 51 -9.48 10.25 -10.77
N PRO B 52 -8.58 10.99 -10.16
CA PRO B 52 -7.27 11.30 -10.77
C PRO B 52 -6.15 10.39 -10.31
N VAL B 53 -6.42 9.40 -9.48
CA VAL B 53 -5.33 8.64 -8.89
C VAL B 53 -4.64 7.83 -9.95
N LYS B 54 -3.31 7.87 -9.95
CA LYS B 54 -2.48 7.08 -10.86
C LYS B 54 -1.65 6.10 -10.05
N LYS B 55 -1.33 4.96 -10.66
CA LYS B 55 -0.60 3.92 -9.99
C LYS B 55 0.31 3.24 -10.98
N LYS B 56 1.60 3.10 -10.64
CA LYS B 56 2.52 2.41 -11.53
C LYS B 56 3.26 1.33 -10.76
N VAL B 57 3.50 0.20 -11.41
CA VAL B 57 3.98 -1.00 -10.74
C VAL B 57 5.08 -1.63 -11.59
N GLN B 58 6.22 -1.94 -10.95
CA GLN B 58 7.31 -2.60 -11.64
C GLN B 58 8.03 -3.50 -10.65
N ARG B 59 8.60 -4.60 -11.11
CA ARG B 59 9.43 -5.38 -10.23
C ARG B 59 10.72 -4.65 -9.99
N SER B 60 11.23 -4.73 -8.77
CA SER B 60 12.53 -4.18 -8.44
C SER B 60 13.61 -4.89 -9.23
N ALA B 61 14.57 -4.13 -9.73
CA ALA B 61 15.72 -4.68 -10.42
C ALA B 61 16.76 -5.21 -9.45
N GLU B 62 16.77 -4.71 -8.21
CA GLU B 62 17.74 -5.15 -7.21
C GLU B 62 17.25 -6.33 -6.40
N ASP B 63 15.94 -6.39 -6.16
CA ASP B 63 15.33 -7.51 -5.43
C ASP B 63 14.07 -7.93 -6.18
N PRO B 64 14.21 -8.87 -7.12
CA PRO B 64 13.04 -9.26 -7.93
C PRO B 64 11.91 -9.95 -7.16
N SER B 65 12.04 -10.20 -5.86
CA SER B 65 10.89 -10.67 -5.09
C SER B 65 9.95 -9.54 -4.67
N LEU B 66 10.26 -8.28 -4.99
CA LEU B 66 9.47 -7.13 -4.58
C LEU B 66 8.91 -6.42 -5.80
N LEU B 67 7.65 -6.09 -5.76
CA LEU B 67 7.10 -5.10 -6.67
C LEU B 67 7.26 -3.72 -6.07
N VAL B 68 7.54 -2.75 -6.92
CA VAL B 68 7.61 -1.34 -6.52
C VAL B 68 6.38 -0.67 -7.07
N ALA B 69 5.50 -0.16 -6.19
CA ALA B 69 4.24 0.46 -6.59
C ALA B 69 4.29 1.92 -6.16
N THR B 70 4.03 2.82 -7.10
CA THR B 70 4.00 4.24 -6.79
C THR B 70 2.62 4.79 -7.11
N TYR B 71 2.05 5.49 -6.14
CA TYR B 71 0.70 6.03 -6.22
C TYR B 71 0.78 7.54 -6.18
N GLU B 72 -0.11 8.20 -6.92
CA GLU B 72 -0.21 9.66 -6.88
C GLU B 72 -1.67 10.10 -6.89
N GLY B 73 -2.01 11.07 -6.03
CA GLY B 73 -3.32 11.68 -6.04
C GLY B 73 -4.24 11.18 -4.94
N THR B 74 -5.41 11.82 -4.86
CA THR B 74 -6.44 11.49 -3.90
C THR B 74 -7.67 11.01 -4.64
N HIS B 75 -8.22 9.87 -4.22
CA HIS B 75 -9.40 9.35 -4.90
C HIS B 75 -10.56 10.32 -4.73
N ASN B 76 -11.36 10.42 -5.79
CA ASN B 76 -12.55 11.25 -5.75
C ASN B 76 -13.59 10.53 -6.61
N HIS B 77 -14.57 9.92 -5.96
CA HIS B 77 -15.52 9.02 -6.61
C HIS B 77 -16.90 9.65 -6.50
N LEU B 78 -17.44 10.09 -7.62
CA LEU B 78 -18.76 10.69 -7.66
C LEU B 78 -19.72 9.75 -8.38
N GLY B 79 -20.82 9.42 -7.71
CA GLY B 79 -21.76 8.46 -8.24
C GLY B 79 -22.77 9.11 -9.15
N PRO B 80 -23.69 8.31 -9.72
CA PRO B 80 -24.60 8.84 -10.76
C PRO B 80 -25.62 9.83 -10.24
N ASN B 81 -26.00 9.74 -8.96
CA ASN B 81 -27.06 10.57 -8.39
C ASN B 81 -26.53 11.60 -7.41
N ALA B 82 -25.24 11.89 -7.50
CA ALA B 82 -24.57 12.82 -6.60
C ALA B 82 -23.96 13.97 -7.42
C1 EDO C . 14.12 -6.61 3.29
O1 EDO C . 13.91 -6.34 1.90
C2 EDO C . 13.12 -5.79 4.10
O2 EDO C . 13.74 -5.41 5.35
ZN ZN D . -12.13 -2.55 6.20
C1 MPD E . -1.74 5.77 -1.52
C2 MPD E . -3.18 5.72 -1.95
O2 MPD E . -3.32 6.39 -3.22
CM MPD E . -4.08 6.45 -0.95
C3 MPD E . -3.51 4.24 -2.08
C4 MPD E . -4.81 3.96 -2.75
O4 MPD E . -4.83 4.45 -4.07
C5 MPD E . -5.03 2.47 -2.73
N NO3 F . -1.09 -0.30 -0.46
O1 NO3 F . -0.39 -0.74 -1.44
O2 NO3 F . -1.80 0.76 -0.57
O3 NO3 F . -1.06 -0.94 0.63
ZN ZN G . -10.33 6.39 -7.39
P PO4 H . 7.94 7.92 -16.35
O1 PO4 H . 6.81 7.00 -15.92
O2 PO4 H . 9.26 7.20 -16.46
O3 PO4 H . 8.05 9.00 -15.27
O4 PO4 H . 7.58 8.53 -17.67
P PO4 I . 12.85 8.32 -16.10
O1 PO4 I . 13.02 7.79 -14.69
O2 PO4 I . 13.24 7.24 -17.11
O3 PO4 I . 13.68 9.57 -16.28
O4 PO4 I . 11.41 8.73 -16.32
#